data_3PPR
#
_entry.id   3PPR
#
_cell.length_a   61.965
_cell.length_b   92.575
_cell.length_c   115.812
_cell.angle_alpha   90.00
_cell.angle_beta   90.00
_cell.angle_gamma   90.00
#
_symmetry.space_group_name_H-M   'P 2 21 21'
#
loop_
_entity.id
_entity.type
_entity.pdbx_description
1 polymer 'Glycine betaine/carnitine/choline-binding protein'
2 non-polymer '(4S)-2-METHYL-1,4,5,6-TETRAHYDROPYRIMIDINE-4-CARBOXYLIC ACID'
3 water water
#
_entity_poly.entity_id   1
_entity_poly.type   'polypeptide(L)'
_entity_poly.pdbx_seq_one_letter_code
;MGHHHHHHMTKIKWLGAFALVFVMLLGGCSLPGLGGASDDTIKIGAQSMTESEIVANMIAQLIEHDTDLNTALVKNLGSN
YVQHQAMLGGDIDISATRYSGTDLTSTLGKEAEKDPKKALNIVQNEFQKRFSYKWFDSYGFDNTYAFTVTKKFAEKEHIN
TVSDLKKNASQYKLGVDNAWLKRKGDGYKGFVSTYGFEFGTTYPMQIGLVYDAVKNGKMDAVLAYSTDGRIKAYDLKILK
DDKRFFPPYDCSPVIPEKVLKEHPELEGVINKLIGQIDTETMQELNYEVDGKLKEPSVVAKEFLEKHHYFD
;
_entity_poly.pdbx_strand_id   A,B
#
# COMPACT_ATOMS: atom_id res chain seq x y z
N THR A 41 36.45 -14.96 -14.99
CA THR A 41 35.23 -15.66 -14.49
C THR A 41 34.39 -14.73 -13.61
N ILE A 42 33.09 -14.67 -13.89
CA ILE A 42 32.19 -13.77 -13.20
C ILE A 42 31.57 -14.49 -12.02
N LYS A 43 31.79 -13.97 -10.83
CA LYS A 43 31.29 -14.58 -9.60
C LYS A 43 29.90 -14.03 -9.24
N ILE A 44 28.91 -14.92 -9.25
CA ILE A 44 27.52 -14.52 -9.03
C ILE A 44 27.04 -14.97 -7.66
N GLY A 45 26.67 -14.02 -6.82
CA GLY A 45 26.20 -14.32 -5.48
C GLY A 45 24.73 -14.71 -5.42
N ALA A 46 24.44 -15.76 -4.66
CA ALA A 46 23.06 -16.16 -4.35
C ALA A 46 22.88 -16.17 -2.85
N GLN A 47 21.84 -15.47 -2.40
CA GLN A 47 21.42 -15.47 -1.02
C GLN A 47 20.76 -16.79 -0.74
N SER A 48 20.60 -17.13 0.52
CA SER A 48 20.03 -18.39 0.90
C SER A 48 18.51 -18.39 0.77
N MET A 49 18.07 -18.28 -0.45
CA MET A 49 16.68 -18.29 -0.82
C MET A 49 16.60 -18.99 -2.14
N THR A 50 15.53 -19.71 -2.34
CA THR A 50 15.31 -20.43 -3.54
C THR A 50 15.32 -19.49 -4.75
N GLU A 51 14.63 -18.38 -4.63
CA GLU A 51 14.53 -17.32 -5.62
C GLU A 51 15.93 -16.82 -6.05
N SER A 52 16.80 -16.55 -5.08
CA SER A 52 18.13 -16.07 -5.38
C SER A 52 18.92 -17.09 -6.20
N GLU A 53 18.80 -18.36 -5.83
CA GLU A 53 19.51 -19.44 -6.55
C GLU A 53 19.02 -19.57 -7.98
N ILE A 54 17.70 -19.53 -8.16
CA ILE A 54 17.13 -19.61 -9.52
C ILE A 54 17.67 -18.49 -10.40
N VAL A 55 17.62 -17.26 -9.88
CA VAL A 55 18.03 -16.10 -10.65
C VAL A 55 19.54 -16.08 -10.87
N ALA A 56 20.32 -16.51 -9.88
CA ALA A 56 21.78 -16.64 -10.03
C ALA A 56 22.15 -17.61 -11.15
N ASN A 57 21.50 -18.77 -11.19
CA ASN A 57 21.70 -19.73 -12.27
C ASN A 57 21.27 -19.19 -13.63
N MET A 58 20.14 -18.49 -13.65
CA MET A 58 19.66 -17.85 -14.85
C MET A 58 20.69 -16.84 -15.40
N ILE A 59 21.25 -16.01 -14.53
CA ILE A 59 22.28 -15.06 -14.94
C ILE A 59 23.51 -15.80 -15.47
N ALA A 60 23.97 -16.81 -14.72
CA ALA A 60 25.12 -17.61 -15.13
C ALA A 60 24.93 -18.16 -16.52
N GLN A 61 23.76 -18.78 -16.78
CA GLN A 61 23.54 -19.45 -18.06
C GLN A 61 23.39 -18.45 -19.21
N LEU A 62 22.76 -17.31 -18.93
CA LEU A 62 22.57 -16.31 -19.95
C LEU A 62 23.92 -15.70 -20.37
N ILE A 63 24.78 -15.47 -19.38
CA ILE A 63 26.11 -14.93 -19.63
C ILE A 63 26.91 -15.88 -20.53
N GLU A 64 26.86 -17.18 -20.22
CA GLU A 64 27.62 -18.14 -21.00
C GLU A 64 27.02 -18.38 -22.39
N HIS A 65 25.70 -18.24 -22.50
CA HIS A 65 25.04 -18.34 -23.80
C HIS A 65 25.42 -17.18 -24.72
N ASP A 66 25.53 -15.98 -24.15
CA ASP A 66 25.70 -14.77 -24.95
C ASP A 66 27.15 -14.33 -25.15
N THR A 67 28.05 -14.82 -24.31
CA THR A 67 29.43 -14.32 -24.26
C THR A 67 30.43 -15.45 -23.99
N ASP A 68 31.72 -15.13 -24.03
CA ASP A 68 32.77 -16.10 -23.69
C ASP A 68 33.21 -16.02 -22.22
N LEU A 69 32.46 -15.29 -21.40
CA LEU A 69 32.77 -15.19 -19.98
C LEU A 69 32.41 -16.49 -19.27
N ASN A 70 33.33 -17.01 -18.45
CA ASN A 70 32.97 -18.09 -17.54
C ASN A 70 32.35 -17.54 -16.25
N THR A 71 31.58 -18.38 -15.56
CA THR A 71 30.84 -17.94 -14.39
C THR A 71 31.00 -18.93 -13.25
N ALA A 72 30.86 -18.43 -12.02
CA ALA A 72 30.82 -19.25 -10.82
C ALA A 72 29.73 -18.73 -9.87
N LEU A 73 29.07 -19.66 -9.18
CA LEU A 73 28.05 -19.31 -8.21
C LEU A 73 28.70 -19.24 -6.85
N VAL A 74 28.37 -18.20 -6.09
CA VAL A 74 28.75 -18.14 -4.67
C VAL A 74 27.44 -18.20 -3.87
N LYS A 75 27.15 -19.38 -3.36
CA LYS A 75 25.85 -19.68 -2.76
C LYS A 75 25.85 -19.53 -1.25
N ASN A 76 24.65 -19.58 -0.68
CA ASN A 76 24.43 -19.62 0.76
C ASN A 76 24.87 -18.33 1.47
N LEU A 77 24.82 -17.20 0.77
CA LEU A 77 25.09 -15.91 1.40
C LEU A 77 23.91 -15.62 2.32
N GLY A 78 24.16 -15.50 3.63
CA GLY A 78 23.12 -15.50 4.66
C GLY A 78 22.10 -14.37 4.65
N SER A 79 22.45 -13.23 4.06
CA SER A 79 21.61 -12.02 4.16
C SER A 79 22.10 -10.98 3.17
N ASN A 80 21.38 -9.86 3.04
CA ASN A 80 21.84 -8.78 2.15
C ASN A 80 23.17 -8.20 2.65
N TYR A 81 23.34 -8.16 3.97
CA TYR A 81 24.59 -7.71 4.57
C TYR A 81 25.78 -8.58 4.12
N VAL A 82 25.62 -9.90 4.19
CA VAL A 82 26.65 -10.83 3.72
C VAL A 82 26.89 -10.61 2.21
N GLN A 83 25.82 -10.47 1.43
CA GLN A 83 25.97 -10.18 -0.01
C GLN A 83 26.80 -8.93 -0.24
N HIS A 84 26.45 -7.85 0.45
CA HIS A 84 27.09 -6.55 0.28
C HIS A 84 28.56 -6.62 0.66
N GLN A 85 28.85 -7.21 1.83
CA GLN A 85 30.23 -7.37 2.28
C GLN A 85 31.04 -8.21 1.29
N ALA A 86 30.43 -9.26 0.74
CA ALA A 86 31.07 -10.07 -0.31
C ALA A 86 31.40 -9.23 -1.54
N MET A 87 30.53 -8.28 -1.90
CA MET A 87 30.78 -7.45 -3.06
C MET A 87 31.90 -6.45 -2.76
N LEU A 88 31.85 -5.82 -1.59
CA LEU A 88 32.92 -4.93 -1.12
C LEU A 88 34.28 -5.61 -1.11
N GLY A 89 34.29 -6.91 -0.78
CA GLY A 89 35.52 -7.70 -0.70
C GLY A 89 35.98 -8.27 -2.02
N GLY A 90 35.13 -8.18 -3.04
CA GLY A 90 35.44 -8.76 -4.35
C GLY A 90 35.24 -10.27 -4.40
N ASP A 91 34.55 -10.82 -3.39
CA ASP A 91 34.20 -12.25 -3.37
C ASP A 91 33.08 -12.55 -4.38
N ILE A 92 32.23 -11.55 -4.67
CA ILE A 92 31.26 -11.69 -5.77
C ILE A 92 31.31 -10.46 -6.68
N ASP A 93 31.06 -10.68 -7.97
CA ASP A 93 30.95 -9.62 -8.97
C ASP A 93 29.52 -9.22 -9.27
N ILE A 94 28.57 -10.13 -9.01
CA ILE A 94 27.16 -9.86 -9.25
C ILE A 94 26.35 -10.32 -8.04
N SER A 95 25.44 -9.47 -7.58
CA SER A 95 24.37 -9.91 -6.66
C SER A 95 23.18 -10.22 -7.55
N ALA A 96 22.78 -11.48 -7.59
CA ALA A 96 21.64 -11.89 -8.41
C ALA A 96 20.35 -11.19 -7.99
N THR A 97 20.09 -11.16 -6.68
CA THR A 97 18.85 -10.65 -6.14
C THR A 97 19.08 -9.75 -4.94
N ARG A 98 18.73 -8.50 -5.11
CA ARG A 98 18.67 -7.53 -4.02
C ARG A 98 17.30 -6.85 -4.06
N TYR A 99 16.86 -6.38 -2.89
CA TYR A 99 15.49 -5.93 -2.69
C TYR A 99 15.48 -4.52 -2.13
N SER A 100 14.75 -3.63 -2.81
CA SER A 100 14.85 -2.19 -2.53
C SER A 100 14.68 -1.83 -1.04
N GLY A 101 13.55 -2.19 -0.44
CA GLY A 101 13.33 -1.87 0.99
C GLY A 101 14.35 -2.48 1.95
N THR A 102 14.87 -3.65 1.60
CA THR A 102 15.84 -4.35 2.44
C THR A 102 17.16 -3.54 2.60
N ASP A 103 17.79 -3.20 1.48
CA ASP A 103 19.04 -2.44 1.53
C ASP A 103 18.85 -0.98 1.92
N LEU A 104 17.68 -0.43 1.58
CA LEU A 104 17.34 0.95 1.96
C LEU A 104 17.41 1.14 3.47
N THR A 105 16.83 0.20 4.21
CA THR A 105 16.68 0.32 5.65
C THR A 105 17.87 -0.26 6.43
N SER A 106 18.71 -1.07 5.78
CA SER A 106 19.86 -1.65 6.48
C SER A 106 21.16 -1.03 5.93
N THR A 107 21.63 -1.53 4.79
CA THR A 107 22.81 -0.99 4.11
C THR A 107 22.90 0.56 4.07
N LEU A 108 21.82 1.24 3.71
CA LEU A 108 21.85 2.68 3.57
C LEU A 108 21.43 3.42 4.84
N GLY A 109 20.91 2.69 5.83
CA GLY A 109 20.47 3.26 7.11
C GLY A 109 19.44 4.38 6.96
N LYS A 110 18.53 4.23 6.01
CA LYS A 110 17.52 5.28 5.73
C LYS A 110 16.15 4.86 6.22
N GLU A 111 15.25 5.84 6.38
CA GLU A 111 13.84 5.56 6.69
C GLU A 111 13.25 4.66 5.61
N ALA A 112 12.25 3.91 5.96
CA ALA A 112 11.62 3.05 5.01
C ALA A 112 10.65 3.81 4.11
N GLU A 113 11.11 4.16 2.94
CA GLU A 113 10.29 4.85 1.94
C GLU A 113 9.15 3.92 1.50
N LYS A 114 7.93 4.43 1.41
CA LYS A 114 6.79 3.56 1.12
C LYS A 114 6.39 3.51 -0.36
N ASP A 115 6.82 4.50 -1.14
CA ASP A 115 6.56 4.50 -2.58
C ASP A 115 7.54 3.60 -3.36
N PRO A 116 7.04 2.65 -4.19
CA PRO A 116 7.98 1.81 -4.96
C PRO A 116 8.99 2.61 -5.80
N LYS A 117 8.51 3.56 -6.60
CA LYS A 117 9.41 4.29 -7.49
C LYS A 117 10.44 5.15 -6.75
N LYS A 118 10.00 5.87 -5.72
CA LYS A 118 10.91 6.71 -4.95
C LYS A 118 11.93 5.85 -4.19
N ALA A 119 11.48 4.73 -3.66
CA ALA A 119 12.37 3.82 -2.94
C ALA A 119 13.45 3.28 -3.87
N LEU A 120 13.06 2.84 -5.06
CA LEU A 120 14.02 2.37 -6.05
C LEU A 120 15.02 3.47 -6.44
N ASN A 121 14.49 4.67 -6.71
CA ASN A 121 15.32 5.80 -7.12
C ASN A 121 16.38 6.16 -6.08
N ILE A 122 16.00 6.15 -4.80
CA ILE A 122 16.92 6.45 -3.69
C ILE A 122 18.01 5.39 -3.63
N VAL A 123 17.58 4.12 -3.65
CA VAL A 123 18.52 3.02 -3.60
C VAL A 123 19.52 3.11 -4.78
N GLN A 124 19.02 3.30 -6.00
CA GLN A 124 19.89 3.43 -7.18
C GLN A 124 20.90 4.59 -7.07
N ASN A 125 20.41 5.78 -6.75
CA ASN A 125 21.27 6.96 -6.60
C ASN A 125 22.31 6.78 -5.49
N GLU A 126 21.91 6.20 -4.36
CA GLU A 126 22.82 5.98 -3.24
C GLU A 126 23.88 4.91 -3.54
N PHE A 127 23.50 3.83 -4.22
CA PHE A 127 24.47 2.81 -4.60
C PHE A 127 25.54 3.33 -5.57
N GLN A 128 25.12 4.18 -6.49
CA GLN A 128 26.03 4.86 -7.38
C GLN A 128 26.95 5.82 -6.60
N LYS A 129 26.37 6.70 -5.79
CA LYS A 129 27.14 7.73 -5.08
C LYS A 129 28.14 7.12 -4.09
N ARG A 130 27.70 6.13 -3.31
CA ARG A 130 28.48 5.60 -2.19
C ARG A 130 29.50 4.57 -2.65
N PHE A 131 29.11 3.72 -3.60
CA PHE A 131 29.93 2.58 -4.00
C PHE A 131 30.33 2.51 -5.48
N SER A 132 29.76 3.35 -6.33
CA SER A 132 29.82 3.14 -7.80
C SER A 132 29.33 1.74 -8.19
N TYR A 133 28.28 1.31 -7.48
CA TYR A 133 27.59 0.07 -7.79
C TYR A 133 26.32 0.42 -8.55
N LYS A 134 26.06 -0.36 -9.59
CA LYS A 134 24.83 -0.18 -10.39
C LYS A 134 23.72 -1.11 -9.86
N TRP A 135 22.70 -0.51 -9.25
CA TRP A 135 21.50 -1.26 -8.84
C TRP A 135 20.53 -1.13 -10.00
N PHE A 136 20.30 -2.21 -10.73
CA PHE A 136 19.54 -2.17 -11.98
C PHE A 136 18.05 -1.94 -11.71
N ASP A 137 17.30 -1.54 -12.74
CA ASP A 137 15.84 -1.56 -12.67
C ASP A 137 15.38 -2.99 -12.37
N SER A 138 14.15 -3.13 -11.91
CA SER A 138 13.69 -4.41 -11.41
C SER A 138 13.51 -5.47 -12.49
N TYR A 139 13.69 -6.72 -12.09
CA TYR A 139 13.29 -7.84 -12.89
C TYR A 139 11.80 -7.79 -13.22
N GLY A 140 11.01 -7.13 -12.37
CA GLY A 140 9.56 -7.02 -12.56
C GLY A 140 8.70 -7.49 -11.39
N PHE A 141 9.32 -7.96 -10.31
CA PHE A 141 8.57 -8.42 -9.15
C PHE A 141 9.06 -7.79 -7.85
N ASP A 142 8.14 -7.69 -6.90
CA ASP A 142 8.37 -7.21 -5.55
C ASP A 142 8.21 -8.44 -4.67
N ASN A 143 9.22 -8.75 -3.88
CA ASN A 143 9.13 -9.88 -2.95
C ASN A 143 9.05 -9.36 -1.52
N THR A 144 7.82 -9.15 -1.06
CA THR A 144 7.60 -8.47 0.20
C THR A 144 7.31 -9.45 1.33
N TYR A 145 7.65 -9.04 2.56
CA TYR A 145 7.07 -9.65 3.74
C TYR A 145 5.55 -9.59 3.59
N ALA A 146 4.89 -10.68 3.91
CA ALA A 146 3.44 -10.78 3.82
C ALA A 146 2.92 -11.64 4.95
N PHE A 147 2.09 -11.06 5.81
CA PHE A 147 1.41 -11.84 6.86
C PHE A 147 0.45 -12.79 6.17
N THR A 148 0.60 -14.07 6.50
CA THR A 148 -0.07 -15.15 5.79
C THR A 148 -0.73 -16.11 6.78
N VAL A 149 -1.99 -16.47 6.50
CA VAL A 149 -2.79 -17.36 7.35
C VAL A 149 -3.54 -18.36 6.46
N THR A 150 -4.04 -19.44 7.05
CA THR A 150 -4.93 -20.33 6.31
C THR A 150 -6.28 -19.65 6.18
N LYS A 151 -7.06 -20.04 5.17
CA LYS A 151 -8.38 -19.46 4.97
C LYS A 151 -9.36 -19.88 6.06
N LYS A 152 -9.12 -21.07 6.63
CA LYS A 152 -9.86 -21.58 7.79
C LYS A 152 -9.67 -20.67 9.01
N PHE A 153 -8.43 -20.29 9.29
CA PHE A 153 -8.10 -19.40 10.42
C PHE A 153 -8.71 -18.01 10.21
N ALA A 154 -8.63 -17.50 8.98
CA ALA A 154 -9.17 -16.19 8.64
C ALA A 154 -10.69 -16.13 8.80
N GLU A 155 -11.36 -17.23 8.45
CA GLU A 155 -12.82 -17.32 8.60
C GLU A 155 -13.24 -17.46 10.06
N LYS A 156 -12.49 -18.27 10.81
CA LYS A 156 -12.78 -18.44 12.24
C LYS A 156 -12.50 -17.15 13.01
N GLU A 157 -11.37 -16.51 12.76
CA GLU A 157 -10.99 -15.31 13.48
C GLU A 157 -11.41 -14.01 12.84
N HIS A 158 -12.11 -14.06 11.73
CA HIS A 158 -12.51 -12.87 11.03
C HIS A 158 -11.36 -11.96 10.60
N ILE A 159 -10.39 -12.49 9.90
CA ILE A 159 -9.23 -11.72 9.50
C ILE A 159 -9.16 -11.40 8.03
N ASN A 160 -9.08 -10.13 7.67
CA ASN A 160 -8.76 -9.68 6.32
C ASN A 160 -7.49 -8.83 6.25
N THR A 161 -7.24 -8.08 7.31
CA THR A 161 -6.10 -7.17 7.35
C THR A 161 -5.15 -7.54 8.49
N VAL A 162 -3.96 -6.96 8.47
CA VAL A 162 -3.03 -7.10 9.59
C VAL A 162 -3.63 -6.55 10.90
N SER A 163 -4.29 -5.41 10.84
CA SER A 163 -4.93 -4.85 12.03
C SER A 163 -6.00 -5.74 12.66
N ASP A 164 -6.64 -6.57 11.84
CA ASP A 164 -7.62 -7.53 12.35
C ASP A 164 -7.03 -8.51 13.37
N LEU A 165 -5.74 -8.78 13.25
CA LEU A 165 -5.05 -9.68 14.17
C LEU A 165 -4.95 -9.13 15.60
N LYS A 166 -5.16 -7.82 15.77
CA LYS A 166 -4.92 -7.17 17.05
C LYS A 166 -5.80 -7.75 18.16
N LYS A 167 -7.11 -7.89 17.90
CA LYS A 167 -8.10 -8.34 18.90
C LYS A 167 -7.66 -9.57 19.70
N ASN A 168 -7.04 -10.55 19.04
CA ASN A 168 -6.59 -11.78 19.69
C ASN A 168 -5.07 -12.05 19.58
N ALA A 169 -4.30 -11.01 19.28
CA ALA A 169 -2.86 -11.15 19.02
C ALA A 169 -2.12 -11.96 20.08
N SER A 170 -2.40 -11.69 21.36
CA SER A 170 -1.76 -12.41 22.47
C SER A 170 -1.99 -13.93 22.41
N GLN A 171 -3.03 -14.36 21.72
CA GLN A 171 -3.37 -15.79 21.58
C GLN A 171 -2.64 -16.50 20.43
N TYR A 172 -1.96 -15.72 19.58
CA TYR A 172 -1.41 -16.26 18.33
C TYR A 172 0.07 -16.64 18.40
N LYS A 173 0.45 -17.66 17.62
CA LYS A 173 1.85 -17.98 17.38
C LYS A 173 2.24 -17.48 15.98
N LEU A 174 3.28 -16.65 15.91
CA LEU A 174 3.75 -16.11 14.63
C LEU A 174 5.09 -16.70 14.24
N GLY A 175 5.14 -17.30 13.05
CA GLY A 175 6.39 -17.79 12.44
C GLY A 175 7.04 -16.74 11.56
N VAL A 176 8.32 -16.46 11.81
CA VAL A 176 9.08 -15.45 11.05
C VAL A 176 10.44 -16.03 10.64
N ASP A 177 11.17 -15.30 9.79
CA ASP A 177 12.51 -15.75 9.41
C ASP A 177 13.52 -15.48 10.53
N ASN A 178 14.76 -15.91 10.32
CA ASN A 178 15.79 -15.81 11.36
C ASN A 178 16.37 -14.41 11.59
N ALA A 179 15.91 -13.42 10.82
CA ALA A 179 16.49 -12.07 10.85
C ALA A 179 15.49 -10.97 11.22
N TRP A 180 14.22 -11.18 10.92
CA TRP A 180 13.22 -10.10 10.97
C TRP A 180 13.04 -9.46 12.35
N LEU A 181 13.18 -10.26 13.41
CA LEU A 181 12.97 -9.78 14.78
C LEU A 181 13.98 -8.70 15.19
N LYS A 182 15.17 -8.75 14.59
CA LYS A 182 16.25 -7.83 14.92
C LYS A 182 16.45 -6.70 13.88
N ARG A 183 15.70 -6.76 12.77
CA ARG A 183 15.86 -5.74 11.74
C ARG A 183 15.39 -4.35 12.21
N LYS A 184 16.08 -3.33 11.74
CA LYS A 184 15.70 -1.95 12.00
C LYS A 184 14.88 -1.43 10.82
N GLY A 185 13.94 -0.52 11.09
CA GLY A 185 13.16 0.13 10.05
C GLY A 185 11.97 -0.70 9.56
N ASP A 186 12.25 -1.89 9.01
CA ASP A 186 11.16 -2.75 8.51
C ASP A 186 11.02 -4.02 9.34
N GLY A 187 11.61 -4.01 10.54
CA GLY A 187 11.61 -5.18 11.43
C GLY A 187 10.46 -5.21 12.44
N TYR A 188 10.53 -6.15 13.37
CA TYR A 188 9.47 -6.35 14.37
C TYR A 188 9.25 -5.14 15.28
N LYS A 189 10.34 -4.48 15.67
CA LYS A 189 10.25 -3.28 16.51
C LYS A 189 9.42 -2.21 15.83
N GLY A 190 9.69 -1.99 14.54
CA GLY A 190 8.92 -1.04 13.74
C GLY A 190 7.47 -1.50 13.58
N PHE A 191 7.28 -2.80 13.42
CA PHE A 191 5.92 -3.33 13.27
C PHE A 191 5.09 -2.98 14.51
N VAL A 192 5.68 -3.22 15.69
CA VAL A 192 5.00 -3.03 16.97
C VAL A 192 4.61 -1.57 17.15
N SER A 193 5.51 -0.65 16.83
CA SER A 193 5.20 0.76 17.05
C SER A 193 4.21 1.31 16.02
N THR A 194 4.13 0.68 14.85
CA THR A 194 3.14 1.08 13.84
C THR A 194 1.76 0.45 14.09
N TYR A 195 1.71 -0.87 14.20
CA TYR A 195 0.44 -1.54 14.39
C TYR A 195 -0.06 -1.50 15.83
N GLY A 196 0.83 -1.24 16.78
CA GLY A 196 0.43 -1.02 18.17
C GLY A 196 0.14 -2.29 18.95
N PHE A 197 0.71 -3.41 18.52
CA PHE A 197 0.57 -4.67 19.24
C PHE A 197 1.71 -5.68 18.98
N GLU A 198 1.84 -6.63 19.90
CA GLU A 198 2.78 -7.74 19.76
C GLU A 198 2.02 -9.04 19.66
N PHE A 199 2.65 -10.04 19.03
CA PHE A 199 2.08 -11.37 18.98
C PHE A 199 2.46 -12.11 20.26
N GLY A 200 1.57 -13.00 20.71
CA GLY A 200 1.78 -13.76 21.95
C GLY A 200 3.13 -14.44 21.97
N THR A 201 3.42 -15.20 20.92
CA THR A 201 4.71 -15.87 20.77
C THR A 201 5.17 -15.77 19.31
N THR A 202 6.43 -15.39 19.12
CA THR A 202 7.02 -15.31 17.77
C THR A 202 8.15 -16.32 17.64
N TYR A 203 8.13 -17.08 16.54
CA TYR A 203 9.06 -18.20 16.31
C TYR A 203 9.96 -17.95 15.10
N PRO A 204 11.24 -17.60 15.34
CA PRO A 204 12.14 -17.43 14.19
C PRO A 204 12.57 -18.79 13.65
N MET A 205 12.59 -18.93 12.34
CA MET A 205 12.96 -20.20 11.70
C MET A 205 13.44 -19.91 10.29
N GLN A 206 14.08 -20.89 9.66
CA GLN A 206 14.40 -20.80 8.25
C GLN A 206 13.12 -20.44 7.47
N ILE A 207 13.22 -19.45 6.60
CA ILE A 207 12.04 -18.97 5.85
C ILE A 207 11.33 -20.09 5.09
N GLY A 208 12.12 -21.00 4.53
CA GLY A 208 11.57 -22.13 3.77
C GLY A 208 10.57 -22.97 4.56
N LEU A 209 10.66 -22.93 5.90
CA LEU A 209 9.79 -23.74 6.77
C LEU A 209 8.42 -23.13 7.12
N VAL A 210 8.24 -21.82 6.88
CA VAL A 210 7.02 -21.17 7.37
C VAL A 210 5.73 -21.63 6.66
N TYR A 211 5.86 -22.05 5.41
CA TYR A 211 4.71 -22.38 4.58
C TYR A 211 4.00 -23.65 5.07
N ASP A 212 4.78 -24.67 5.39
CA ASP A 212 4.25 -25.87 6.00
C ASP A 212 3.79 -25.63 7.44
N ALA A 213 4.57 -24.85 8.20
CA ALA A 213 4.20 -24.52 9.59
C ALA A 213 2.82 -23.88 9.70
N VAL A 214 2.50 -22.97 8.79
CA VAL A 214 1.16 -22.35 8.80
C VAL A 214 0.09 -23.26 8.19
N LYS A 215 0.42 -23.99 7.13
CA LYS A 215 -0.53 -24.90 6.52
C LYS A 215 -0.99 -25.97 7.51
N ASN A 216 -0.04 -26.47 8.31
CA ASN A 216 -0.28 -27.55 9.26
C ASN A 216 -0.80 -27.13 10.64
N GLY A 217 -1.09 -25.84 10.82
CA GLY A 217 -1.67 -25.33 12.07
C GLY A 217 -0.67 -25.19 13.22
N LYS A 218 0.61 -25.37 12.91
CA LYS A 218 1.67 -25.21 13.91
C LYS A 218 1.80 -23.73 14.31
N MET A 219 1.74 -22.85 13.31
CA MET A 219 1.68 -21.41 13.54
C MET A 219 0.29 -20.91 13.15
N ASP A 220 -0.19 -19.88 13.85
CA ASP A 220 -1.44 -19.20 13.48
C ASP A 220 -1.25 -18.27 12.29
N ALA A 221 -0.06 -17.67 12.22
CA ALA A 221 0.29 -16.76 11.13
C ALA A 221 1.78 -16.84 10.89
N VAL A 222 2.21 -16.56 9.67
CA VAL A 222 3.63 -16.47 9.39
C VAL A 222 3.93 -15.21 8.60
N LEU A 223 5.12 -14.66 8.78
CA LEU A 223 5.59 -13.59 7.91
C LEU A 223 6.31 -14.22 6.73
N ALA A 224 5.55 -14.47 5.68
CA ALA A 224 6.07 -15.15 4.49
C ALA A 224 6.67 -14.15 3.49
N TYR A 225 7.29 -14.66 2.43
CA TYR A 225 7.76 -13.85 1.32
C TYR A 225 6.77 -14.01 0.17
N SER A 226 6.26 -12.90 -0.36
CA SER A 226 5.15 -12.95 -1.32
C SER A 226 5.40 -13.70 -2.64
N THR A 227 6.65 -13.89 -3.03
CA THR A 227 6.93 -14.63 -4.26
C THR A 227 7.01 -16.15 -4.06
N ASP A 228 6.88 -16.63 -2.83
CA ASP A 228 6.95 -18.07 -2.63
C ASP A 228 5.74 -18.73 -3.27
N GLY A 229 6.00 -19.73 -4.10
CA GLY A 229 4.94 -20.47 -4.79
C GLY A 229 4.01 -21.27 -3.90
N ARG A 230 4.45 -21.56 -2.68
CA ARG A 230 3.63 -22.38 -1.78
C ARG A 230 2.43 -21.63 -1.20
N ILE A 231 2.48 -20.29 -1.23
CA ILE A 231 1.31 -19.48 -0.86
C ILE A 231 0.09 -19.86 -1.72
N LYS A 232 0.23 -19.81 -3.04
CA LYS A 232 -0.86 -20.26 -3.93
C LYS A 232 -1.09 -21.77 -3.86
N ALA A 233 0.00 -22.55 -3.86
CA ALA A 233 -0.12 -24.01 -3.85
C ALA A 233 -0.85 -24.50 -2.60
N TYR A 234 -0.59 -23.86 -1.46
CA TYR A 234 -1.24 -24.25 -0.21
C TYR A 234 -2.58 -23.54 0.05
N ASP A 235 -3.05 -22.76 -0.93
CA ASP A 235 -4.29 -22.00 -0.81
C ASP A 235 -4.33 -21.05 0.41
N LEU A 236 -3.20 -20.41 0.70
CA LEU A 236 -3.09 -19.51 1.85
C LEU A 236 -3.61 -18.12 1.52
N LYS A 237 -3.86 -17.33 2.55
CA LYS A 237 -4.38 -15.97 2.39
C LYS A 237 -3.33 -14.96 2.87
N ILE A 238 -2.97 -14.04 1.98
CA ILE A 238 -2.13 -12.92 2.33
C ILE A 238 -3.01 -11.81 2.92
N LEU A 239 -2.65 -11.35 4.11
CA LEU A 239 -3.36 -10.27 4.77
C LEU A 239 -2.92 -8.91 4.24
N LYS A 240 -3.87 -8.01 4.02
CA LYS A 240 -3.55 -6.65 3.60
C LYS A 240 -2.74 -5.91 4.67
N ASP A 241 -1.63 -5.32 4.26
CA ASP A 241 -0.82 -4.44 5.13
C ASP A 241 -1.52 -3.06 5.16
N ASP A 242 -2.54 -2.94 5.99
CA ASP A 242 -3.49 -1.83 5.90
C ASP A 242 -2.94 -0.47 6.34
N LYS A 243 -1.84 -0.48 7.11
CA LYS A 243 -1.17 0.74 7.54
C LYS A 243 0.08 1.02 6.69
N ARG A 244 0.28 0.23 5.64
CA ARG A 244 1.48 0.33 4.79
C ARG A 244 2.76 0.41 5.61
N PHE A 245 2.88 -0.49 6.59
CA PHE A 245 4.10 -0.59 7.37
C PHE A 245 5.32 -0.97 6.53
N PHE A 246 5.18 -1.97 5.66
CA PHE A 246 6.35 -2.44 4.93
C PHE A 246 6.69 -1.51 3.76
N PRO A 247 7.95 -1.26 3.55
CA PRO A 247 8.42 -0.59 2.34
C PRO A 247 8.28 -1.58 1.17
N PRO A 248 8.41 -1.11 -0.06
CA PRO A 248 8.46 -2.02 -1.18
C PRO A 248 9.73 -2.87 -1.21
N TYR A 249 9.65 -4.03 -1.83
CA TYR A 249 10.78 -4.93 -2.01
C TYR A 249 11.02 -5.38 -3.48
N ASP A 250 11.06 -4.43 -4.39
CA ASP A 250 11.36 -4.71 -5.79
C ASP A 250 12.74 -5.34 -5.95
N CYS A 251 12.82 -6.37 -6.75
CA CYS A 251 14.01 -7.13 -6.87
C CYS A 251 14.80 -6.77 -8.10
N SER A 252 16.09 -6.54 -7.88
CA SER A 252 17.03 -6.20 -8.96
C SER A 252 18.38 -6.88 -8.77
N PRO A 253 19.14 -7.06 -9.87
CA PRO A 253 20.55 -7.40 -9.73
C PRO A 253 21.41 -6.16 -9.40
N VAL A 254 22.54 -6.37 -8.74
CA VAL A 254 23.47 -5.28 -8.45
C VAL A 254 24.86 -5.68 -8.95
N ILE A 255 25.53 -4.77 -9.65
CA ILE A 255 26.86 -5.03 -10.20
C ILE A 255 27.72 -3.75 -10.14
N PRO A 256 28.98 -3.88 -9.63
CA PRO A 256 29.87 -2.72 -9.62
C PRO A 256 30.11 -2.18 -11.04
N GLU A 257 30.11 -0.85 -11.17
CA GLU A 257 30.44 -0.22 -12.47
C GLU A 257 31.80 -0.69 -13.01
N LYS A 258 32.73 -0.95 -12.10
CA LYS A 258 34.06 -1.46 -12.45
C LYS A 258 33.98 -2.79 -13.21
N VAL A 259 33.08 -3.67 -12.77
CA VAL A 259 32.87 -4.96 -13.42
C VAL A 259 32.27 -4.76 -14.82
N LEU A 260 31.29 -3.86 -14.91
CA LEU A 260 30.65 -3.55 -16.18
C LEU A 260 31.61 -2.89 -17.18
N LYS A 261 32.56 -2.10 -16.66
CA LYS A 261 33.61 -1.46 -17.47
C LYS A 261 34.61 -2.49 -18.01
N GLU A 262 35.10 -3.36 -17.13
CA GLU A 262 35.97 -4.48 -17.50
C GLU A 262 35.36 -5.41 -18.54
N HIS A 263 34.05 -5.63 -18.46
CA HIS A 263 33.37 -6.55 -19.36
C HIS A 263 32.15 -5.88 -20.01
N PRO A 264 32.38 -5.04 -21.04
CA PRO A 264 31.35 -4.19 -21.65
C PRO A 264 30.12 -4.91 -22.20
N GLU A 265 30.28 -6.21 -22.51
CA GLU A 265 29.17 -7.01 -23.03
C GLU A 265 28.22 -7.48 -21.94
N LEU A 266 28.62 -7.31 -20.68
CA LEU A 266 27.87 -7.79 -19.52
C LEU A 266 26.52 -7.10 -19.28
N GLU A 267 26.47 -5.77 -19.42
CA GLU A 267 25.25 -5.00 -19.19
C GLU A 267 24.11 -5.44 -20.12
N GLY A 268 24.47 -5.74 -21.36
CA GLY A 268 23.52 -6.17 -22.39
C GLY A 268 22.87 -7.50 -22.08
N VAL A 269 23.64 -8.42 -21.50
CA VAL A 269 23.09 -9.69 -21.03
C VAL A 269 22.06 -9.43 -19.90
N ILE A 270 22.49 -8.72 -18.87
CA ILE A 270 21.65 -8.44 -17.72
C ILE A 270 20.40 -7.68 -18.13
N ASN A 271 20.55 -6.74 -19.07
CA ASN A 271 19.41 -6.02 -19.63
C ASN A 271 18.28 -6.91 -20.15
N LYS A 272 18.64 -8.07 -20.70
CA LYS A 272 17.66 -9.02 -21.23
C LYS A 272 16.61 -9.46 -20.19
N LEU A 273 17.00 -9.49 -18.91
CA LEU A 273 16.11 -9.97 -17.85
C LEU A 273 15.29 -8.85 -17.20
N ILE A 274 15.71 -7.61 -17.42
CA ILE A 274 15.10 -6.48 -16.75
C ILE A 274 13.67 -6.31 -17.27
N GLY A 275 12.73 -6.30 -16.34
CA GLY A 275 11.30 -6.19 -16.68
C GLY A 275 10.65 -7.46 -17.17
N GLN A 276 11.38 -8.56 -17.15
CA GLN A 276 10.91 -9.79 -17.80
C GLN A 276 10.25 -10.81 -16.87
N ILE A 277 10.34 -10.59 -15.56
CA ILE A 277 9.80 -11.57 -14.60
C ILE A 277 8.85 -10.86 -13.65
N ASP A 278 7.55 -11.10 -13.84
CA ASP A 278 6.55 -10.60 -12.90
C ASP A 278 6.39 -11.56 -11.71
N THR A 279 5.60 -11.19 -10.71
CA THR A 279 5.50 -12.00 -9.49
C THR A 279 4.95 -13.40 -9.73
N GLU A 280 3.87 -13.47 -10.50
CA GLU A 280 3.24 -14.74 -10.87
C GLU A 280 4.27 -15.71 -11.49
N THR A 281 5.09 -15.22 -12.40
CA THR A 281 6.17 -16.01 -13.02
C THR A 281 7.20 -16.44 -11.97
N MET A 282 7.60 -15.51 -11.11
CA MET A 282 8.57 -15.80 -10.05
C MET A 282 8.05 -16.88 -9.09
N GLN A 283 6.78 -16.77 -8.74
CA GLN A 283 6.09 -17.76 -7.91
C GLN A 283 6.08 -19.14 -8.53
N GLU A 284 5.83 -19.20 -9.83
CA GLU A 284 5.86 -20.47 -10.55
C GLU A 284 7.26 -21.08 -10.56
N LEU A 285 8.26 -20.24 -10.83
CA LEU A 285 9.65 -20.70 -10.82
C LEU A 285 10.06 -21.18 -9.44
N ASN A 286 9.77 -20.38 -8.41
CA ASN A 286 10.04 -20.80 -7.04
C ASN A 286 9.43 -22.15 -6.71
N TYR A 287 8.20 -22.38 -7.14
CA TYR A 287 7.49 -23.61 -6.83
C TYR A 287 8.11 -24.81 -7.54
N GLU A 288 8.62 -24.60 -8.75
CA GLU A 288 9.37 -25.65 -9.46
C GLU A 288 10.47 -26.25 -8.58
N VAL A 289 11.17 -25.40 -7.81
CA VAL A 289 12.20 -25.86 -6.88
C VAL A 289 11.62 -26.36 -5.55
N ASP A 290 10.75 -25.57 -4.92
CA ASP A 290 10.32 -25.85 -3.56
C ASP A 290 9.23 -26.93 -3.49
N GLY A 291 8.34 -26.95 -4.47
CA GLY A 291 7.27 -27.95 -4.51
C GLY A 291 7.62 -29.19 -5.32
N LYS A 292 8.20 -29.00 -6.50
CA LYS A 292 8.55 -30.13 -7.36
C LYS A 292 9.98 -30.62 -7.18
N LEU A 293 10.74 -29.96 -6.31
CA LEU A 293 12.09 -30.38 -5.89
C LEU A 293 13.12 -30.42 -7.03
N LYS A 294 12.93 -29.58 -8.05
CA LYS A 294 13.86 -29.50 -9.17
C LYS A 294 15.05 -28.64 -8.78
N GLU A 295 16.21 -28.94 -9.37
CA GLU A 295 17.39 -28.11 -9.17
C GLU A 295 17.15 -26.71 -9.76
N PRO A 296 17.59 -25.66 -9.04
CA PRO A 296 17.49 -24.29 -9.58
C PRO A 296 18.15 -24.14 -10.96
N SER A 297 19.23 -24.87 -11.22
CA SER A 297 19.91 -24.82 -12.53
C SER A 297 18.98 -25.30 -13.63
N VAL A 298 18.28 -26.40 -13.37
CA VAL A 298 17.29 -26.98 -14.28
C VAL A 298 16.11 -26.02 -14.51
N VAL A 299 15.61 -25.42 -13.43
CA VAL A 299 14.47 -24.48 -13.53
C VAL A 299 14.88 -23.25 -14.35
N ALA A 300 16.07 -22.71 -14.07
CA ALA A 300 16.62 -21.60 -14.84
C ALA A 300 16.77 -21.93 -16.32
N LYS A 301 17.33 -23.09 -16.61
CA LYS A 301 17.51 -23.54 -18.00
C LYS A 301 16.19 -23.60 -18.77
N GLU A 302 15.19 -24.24 -18.15
CA GLU A 302 13.87 -24.38 -18.78
C GLU A 302 13.20 -23.03 -19.03
N PHE A 303 13.35 -22.09 -18.11
CA PHE A 303 12.81 -20.75 -18.30
C PHE A 303 13.47 -20.05 -19.49
N LEU A 304 14.80 -20.11 -19.54
CA LEU A 304 15.56 -19.49 -20.63
C LEU A 304 15.21 -20.07 -22.01
N GLU A 305 15.05 -21.40 -22.08
CA GLU A 305 14.70 -22.09 -23.33
C GLU A 305 13.33 -21.65 -23.84
N LYS A 306 12.34 -21.61 -22.95
CA LYS A 306 11.01 -21.14 -23.29
C LYS A 306 11.02 -19.74 -23.90
N HIS A 307 11.90 -18.87 -23.43
CA HIS A 307 11.99 -17.50 -23.94
C HIS A 307 13.15 -17.32 -24.91
N HIS A 308 13.64 -18.45 -25.44
CA HIS A 308 14.73 -18.48 -26.43
C HIS A 308 15.90 -17.59 -26.00
N TYR A 309 16.23 -17.63 -24.71
CA TYR A 309 17.29 -16.82 -24.11
C TYR A 309 17.14 -15.32 -24.38
N PHE A 310 15.90 -14.89 -24.59
CA PHE A 310 15.56 -13.51 -24.94
C PHE A 310 16.34 -13.03 -26.17
N ASP A 311 16.55 -13.95 -27.12
CA ASP A 311 17.38 -13.76 -28.33
C ASP A 311 18.88 -13.83 -28.06
N THR B 41 -21.70 32.12 16.73
CA THR B 41 -22.09 31.01 15.80
C THR B 41 -20.87 30.40 15.12
N ILE B 42 -20.67 29.10 15.33
CA ILE B 42 -19.61 28.38 14.66
C ILE B 42 -20.14 27.85 13.33
N LYS B 43 -19.52 28.27 12.24
CA LYS B 43 -19.96 27.87 10.91
C LYS B 43 -19.17 26.63 10.48
N ILE B 44 -19.87 25.54 10.21
CA ILE B 44 -19.23 24.25 9.92
C ILE B 44 -19.46 23.87 8.46
N GLY B 45 -18.37 23.79 7.70
CA GLY B 45 -18.44 23.45 6.29
C GLY B 45 -18.59 21.96 6.05
N ALA B 46 -19.51 21.61 5.17
CA ALA B 46 -19.66 20.23 4.72
C ALA B 46 -19.50 20.22 3.20
N GLN B 47 -18.61 19.35 2.72
CA GLN B 47 -18.50 19.07 1.30
C GLN B 47 -19.80 18.38 0.85
N SER B 48 -20.00 18.33 -0.46
CA SER B 48 -21.17 17.69 -1.02
C SER B 48 -20.93 16.19 -1.11
N MET B 49 -20.84 15.59 0.07
CA MET B 49 -20.72 14.15 0.26
C MET B 49 -21.52 13.82 1.49
N THR B 50 -22.26 12.72 1.43
CA THR B 50 -22.97 12.19 2.58
C THR B 50 -22.08 12.15 3.84
N GLU B 51 -20.87 11.62 3.71
CA GLU B 51 -19.88 11.56 4.78
C GLU B 51 -19.68 12.88 5.51
N SER B 52 -19.48 13.94 4.72
CA SER B 52 -19.17 15.25 5.24
C SER B 52 -20.35 15.86 5.99
N GLU B 53 -21.56 15.62 5.49
CA GLU B 53 -22.78 16.11 6.15
C GLU B 53 -22.99 15.46 7.51
N ILE B 54 -22.78 14.15 7.58
CA ILE B 54 -22.95 13.39 8.82
C ILE B 54 -22.00 13.92 9.90
N VAL B 55 -20.72 14.02 9.53
CA VAL B 55 -19.71 14.47 10.47
C VAL B 55 -19.95 15.94 10.86
N ALA B 56 -20.32 16.77 9.89
CA ALA B 56 -20.62 18.18 10.16
C ALA B 56 -21.73 18.32 11.21
N ASN B 57 -22.79 17.53 11.04
CA ASN B 57 -23.88 17.46 12.02
C ASN B 57 -23.41 16.96 13.39
N MET B 58 -22.58 15.92 13.38
CA MET B 58 -21.98 15.36 14.58
C MET B 58 -21.23 16.45 15.36
N ILE B 59 -20.40 17.22 14.66
CA ILE B 59 -19.67 18.35 15.25
C ILE B 59 -20.62 19.44 15.78
N ALA B 60 -21.61 19.82 14.97
CA ALA B 60 -22.61 20.83 15.38
C ALA B 60 -23.33 20.47 16.69
N GLN B 61 -23.85 19.25 16.76
CA GLN B 61 -24.63 18.80 17.92
C GLN B 61 -23.75 18.58 19.14
N LEU B 62 -22.50 18.17 18.92
CA LEU B 62 -21.57 17.97 20.02
C LEU B 62 -21.15 19.32 20.61
N ILE B 63 -20.93 20.32 19.76
CA ILE B 63 -20.66 21.68 20.21
C ILE B 63 -21.80 22.20 21.11
N GLU B 64 -23.04 22.05 20.63
CA GLU B 64 -24.22 22.53 21.37
C GLU B 64 -24.55 21.72 22.61
N HIS B 65 -24.19 20.44 22.61
CA HIS B 65 -24.34 19.60 23.80
C HIS B 65 -23.30 19.99 24.86
N ASP B 66 -22.06 20.22 24.44
CA ASP B 66 -20.96 20.53 25.38
C ASP B 66 -20.85 22.00 25.79
N THR B 67 -21.38 22.91 24.97
CA THR B 67 -21.13 24.34 25.17
C THR B 67 -22.36 25.24 25.02
N ASP B 68 -22.13 26.55 25.14
CA ASP B 68 -23.17 27.55 24.97
C ASP B 68 -23.17 28.19 23.58
N LEU B 69 -22.26 27.74 22.71
CA LEU B 69 -22.11 28.32 21.37
C LEU B 69 -23.21 27.85 20.42
N ASN B 70 -23.57 28.71 19.48
CA ASN B 70 -24.48 28.32 18.41
C ASN B 70 -23.69 27.74 17.24
N THR B 71 -24.38 27.03 16.35
CA THR B 71 -23.75 26.45 15.17
C THR B 71 -24.62 26.67 13.94
N ALA B 72 -23.98 26.73 12.79
CA ALA B 72 -24.66 26.70 11.50
C ALA B 72 -23.86 25.81 10.56
N LEU B 73 -24.55 25.11 9.67
CA LEU B 73 -23.90 24.29 8.67
C LEU B 73 -23.85 25.06 7.36
N VAL B 74 -22.73 24.93 6.66
CA VAL B 74 -22.58 25.51 5.34
C VAL B 74 -22.37 24.32 4.40
N LYS B 75 -23.44 23.91 3.73
CA LYS B 75 -23.47 22.68 2.94
C LYS B 75 -23.11 22.91 1.48
N ASN B 76 -22.97 21.81 0.73
CA ASN B 76 -22.75 21.83 -0.74
C ASN B 76 -21.46 22.49 -1.21
N LEU B 77 -20.43 22.48 -0.36
CA LEU B 77 -19.09 22.91 -0.79
C LEU B 77 -18.57 21.84 -1.75
N GLY B 78 -18.22 22.23 -2.97
CA GLY B 78 -18.02 21.27 -4.05
C GLY B 78 -16.75 20.43 -4.02
N SER B 79 -15.72 20.93 -3.34
CA SER B 79 -14.41 20.30 -3.35
C SER B 79 -13.60 20.76 -2.14
N ASN B 80 -12.40 20.18 -1.96
CA ASN B 80 -11.52 20.64 -0.89
C ASN B 80 -11.05 22.08 -1.17
N TYR B 81 -10.92 22.41 -2.45
CA TYR B 81 -10.56 23.76 -2.88
C TYR B 81 -11.59 24.79 -2.42
N VAL B 82 -12.86 24.51 -2.70
CA VAL B 82 -13.94 25.36 -2.23
C VAL B 82 -13.92 25.48 -0.69
N GLN B 83 -13.76 24.35 -0.01
CA GLN B 83 -13.69 24.35 1.45
C GLN B 83 -12.58 25.27 1.94
N HIS B 84 -11.41 25.11 1.33
CA HIS B 84 -10.24 25.87 1.72
C HIS B 84 -10.40 27.36 1.47
N GLN B 85 -10.94 27.72 0.30
CA GLN B 85 -11.18 29.13 -0.04
C GLN B 85 -12.21 29.73 0.91
N ALA B 86 -13.23 28.96 1.26
CA ALA B 86 -14.25 29.41 2.20
C ALA B 86 -13.67 29.66 3.58
N MET B 87 -12.69 28.85 3.99
CA MET B 87 -12.04 29.04 5.28
C MET B 87 -11.12 30.27 5.25
N LEU B 88 -10.34 30.39 4.18
CA LEU B 88 -9.51 31.58 3.97
C LEU B 88 -10.36 32.85 4.01
N GLY B 89 -11.53 32.81 3.37
CA GLY B 89 -12.43 33.96 3.31
C GLY B 89 -13.27 34.17 4.57
N GLY B 90 -13.21 33.22 5.51
CA GLY B 90 -13.96 33.33 6.77
C GLY B 90 -15.44 32.93 6.68
N ASP B 91 -15.81 32.25 5.60
CA ASP B 91 -17.18 31.74 5.42
C ASP B 91 -17.48 30.49 6.25
N ILE B 92 -16.43 29.74 6.60
CA ILE B 92 -16.56 28.63 7.54
C ILE B 92 -15.49 28.74 8.62
N ASP B 93 -15.81 28.28 9.82
CA ASP B 93 -14.85 28.24 10.92
C ASP B 93 -14.25 26.84 11.11
N ILE B 94 -14.93 25.82 10.58
CA ILE B 94 -14.49 24.44 10.73
C ILE B 94 -14.78 23.69 9.44
N SER B 95 -13.77 22.99 8.91
CA SER B 95 -14.00 21.99 7.86
C SER B 95 -14.24 20.67 8.56
N ALA B 96 -15.43 20.12 8.41
CA ALA B 96 -15.79 18.85 9.04
C ALA B 96 -14.93 17.67 8.56
N THR B 97 -14.68 17.61 7.26
CA THR B 97 -13.96 16.49 6.67
C THR B 97 -12.96 16.94 5.63
N ARG B 98 -11.69 16.72 5.94
CA ARG B 98 -10.62 16.94 4.99
C ARG B 98 -9.76 15.69 4.97
N TYR B 99 -9.12 15.43 3.82
CA TYR B 99 -8.46 14.16 3.53
C TYR B 99 -6.99 14.40 3.20
N SER B 100 -6.10 13.70 3.91
CA SER B 100 -4.68 14.05 3.88
C SER B 100 -4.09 14.08 2.47
N GLY B 101 -4.26 12.99 1.74
CA GLY B 101 -3.76 12.92 0.36
C GLY B 101 -4.34 13.99 -0.57
N THR B 102 -5.62 14.31 -0.41
CA THR B 102 -6.30 15.30 -1.25
C THR B 102 -5.68 16.69 -1.11
N ASP B 103 -5.60 17.20 0.12
CA ASP B 103 -4.98 18.50 0.37
C ASP B 103 -3.47 18.55 0.17
N LEU B 104 -2.77 17.43 0.44
CA LEU B 104 -1.35 17.35 0.18
C LEU B 104 -0.98 17.62 -1.29
N THR B 105 -1.71 16.98 -2.21
CA THR B 105 -1.37 17.04 -3.62
C THR B 105 -1.96 18.27 -4.33
N SER B 106 -3.06 18.83 -3.83
CA SER B 106 -3.65 20.01 -4.48
C SER B 106 -3.31 21.30 -3.72
N THR B 107 -3.97 21.51 -2.58
CA THR B 107 -3.74 22.69 -1.76
C THR B 107 -2.26 22.99 -1.49
N LEU B 108 -1.50 21.96 -1.13
CA LEU B 108 -0.12 22.17 -0.72
C LEU B 108 0.87 22.02 -1.88
N GLY B 109 0.38 21.51 -3.01
CA GLY B 109 1.22 21.36 -4.21
C GLY B 109 2.40 20.42 -4.03
N LYS B 110 2.27 19.38 -3.20
CA LYS B 110 3.36 18.43 -2.95
C LYS B 110 3.17 17.09 -3.64
N GLU B 111 4.26 16.33 -3.78
CA GLU B 111 4.19 14.95 -4.25
C GLU B 111 3.26 14.14 -3.36
N ALA B 112 2.69 13.09 -3.94
CA ALA B 112 1.81 12.19 -3.21
C ALA B 112 2.62 11.31 -2.27
N GLU B 113 2.76 11.73 -1.02
CA GLU B 113 3.48 10.95 -0.02
C GLU B 113 2.67 9.67 0.21
N LYS B 114 3.34 8.52 0.26
CA LYS B 114 2.62 7.24 0.35
C LYS B 114 2.48 6.66 1.77
N ASP B 115 3.29 7.12 2.72
CA ASP B 115 3.19 6.61 4.09
C ASP B 115 2.08 7.38 4.81
N PRO B 116 1.14 6.67 5.47
CA PRO B 116 0.04 7.42 6.13
C PRO B 116 0.52 8.40 7.20
N LYS B 117 1.44 7.98 8.07
CA LYS B 117 1.91 8.86 9.14
C LYS B 117 2.71 10.04 8.61
N LYS B 118 3.61 9.79 7.66
CA LYS B 118 4.39 10.87 7.04
C LYS B 118 3.49 11.88 6.29
N ALA B 119 2.50 11.38 5.55
CA ALA B 119 1.57 12.24 4.82
C ALA B 119 0.83 13.16 5.78
N LEU B 120 0.26 12.58 6.85
CA LEU B 120 -0.42 13.34 7.90
C LEU B 120 0.50 14.38 8.54
N ASN B 121 1.74 13.99 8.84
CA ASN B 121 2.68 14.89 9.50
C ASN B 121 3.02 16.10 8.62
N ILE B 122 3.15 15.86 7.32
CA ILE B 122 3.42 16.93 6.36
C ILE B 122 2.22 17.89 6.26
N VAL B 123 1.02 17.35 6.05
CA VAL B 123 -0.16 18.18 6.00
C VAL B 123 -0.36 18.99 7.29
N GLN B 124 -0.16 18.35 8.45
CA GLN B 124 -0.30 19.06 9.72
C GLN B 124 0.71 20.19 9.87
N ASN B 125 1.99 19.89 9.59
CA ASN B 125 3.06 20.88 9.67
C ASN B 125 2.79 22.06 8.73
N GLU B 126 2.45 21.73 7.49
CA GLU B 126 2.25 22.74 6.47
C GLU B 126 1.00 23.60 6.72
N PHE B 127 -0.08 22.99 7.17
CA PHE B 127 -1.28 23.77 7.48
C PHE B 127 -1.04 24.76 8.63
N GLN B 128 -0.28 24.33 9.64
CA GLN B 128 0.11 25.22 10.74
C GLN B 128 1.05 26.32 10.26
N LYS B 129 2.06 25.96 9.47
CA LYS B 129 3.04 26.94 9.01
C LYS B 129 2.49 27.96 8.01
N ARG B 130 1.73 27.48 7.04
CA ARG B 130 1.26 28.38 5.96
C ARG B 130 0.04 29.21 6.34
N PHE B 131 -0.88 28.64 7.11
CA PHE B 131 -2.18 29.26 7.36
C PHE B 131 -2.52 29.52 8.83
N SER B 132 -1.69 29.03 9.75
CA SER B 132 -2.06 28.95 11.17
C SER B 132 -3.38 28.19 11.35
N TYR B 133 -3.51 27.08 10.60
CA TYR B 133 -4.66 26.20 10.71
C TYR B 133 -4.25 24.91 11.37
N LYS B 134 -5.09 24.40 12.26
CA LYS B 134 -4.85 23.12 12.88
C LYS B 134 -5.56 22.03 12.09
N TRP B 135 -4.77 21.15 11.51
CA TRP B 135 -5.28 19.93 10.92
C TRP B 135 -5.18 18.88 12.02
N PHE B 136 -6.32 18.50 12.57
CA PHE B 136 -6.37 17.54 13.66
C PHE B 136 -5.89 16.13 13.26
N ASP B 137 -5.49 15.36 14.26
CA ASP B 137 -5.40 13.91 14.13
C ASP B 137 -6.72 13.35 13.57
N SER B 138 -6.63 12.19 12.97
CA SER B 138 -7.73 11.64 12.19
C SER B 138 -8.89 11.19 13.07
N TYR B 139 -10.11 11.24 12.52
CA TYR B 139 -11.26 10.58 13.13
C TYR B 139 -11.01 9.07 13.27
N GLY B 140 -10.18 8.52 12.38
CA GLY B 140 -9.79 7.11 12.42
C GLY B 140 -10.13 6.34 11.14
N PHE B 141 -10.61 7.04 10.12
CA PHE B 141 -10.89 6.38 8.85
C PHE B 141 -10.14 7.07 7.70
N ASP B 142 -9.85 6.27 6.67
CA ASP B 142 -9.20 6.69 5.45
C ASP B 142 -10.30 6.54 4.39
N ASN B 143 -10.65 7.62 3.70
CA ASN B 143 -11.58 7.49 2.59
C ASN B 143 -10.86 7.60 1.26
N THR B 144 -10.40 6.46 0.75
CA THR B 144 -9.53 6.44 -0.41
C THR B 144 -10.29 6.20 -1.70
N TYR B 145 -9.74 6.68 -2.82
CA TYR B 145 -10.17 6.18 -4.14
C TYR B 145 -9.95 4.68 -4.10
N ALA B 146 -10.90 3.92 -4.64
CA ALA B 146 -10.77 2.46 -4.69
C ALA B 146 -11.41 1.93 -5.97
N PHE B 147 -10.64 1.23 -6.80
CA PHE B 147 -11.20 0.58 -7.98
C PHE B 147 -12.07 -0.54 -7.47
N THR B 148 -13.33 -0.54 -7.91
CA THR B 148 -14.28 -1.52 -7.40
C THR B 148 -15.02 -2.19 -8.54
N VAL B 149 -15.37 -3.46 -8.31
CA VAL B 149 -16.03 -4.28 -9.31
C VAL B 149 -17.03 -5.16 -8.58
N THR B 150 -17.92 -5.78 -9.35
CA THR B 150 -18.83 -6.80 -8.80
C THR B 150 -18.01 -8.06 -8.56
N LYS B 151 -18.40 -8.82 -7.53
CA LYS B 151 -17.74 -10.08 -7.20
C LYS B 151 -17.81 -11.06 -8.36
N LYS B 152 -18.94 -11.05 -9.06
CA LYS B 152 -19.15 -11.85 -10.27
C LYS B 152 -18.11 -11.48 -11.34
N PHE B 153 -17.94 -10.19 -11.60
CA PHE B 153 -16.96 -9.71 -12.57
C PHE B 153 -15.56 -10.18 -12.17
N ALA B 154 -15.21 -10.00 -10.90
CA ALA B 154 -13.89 -10.39 -10.39
C ALA B 154 -13.62 -11.88 -10.54
N GLU B 155 -14.60 -12.69 -10.14
CA GLU B 155 -14.51 -14.16 -10.23
C GLU B 155 -14.37 -14.65 -11.67
N LYS B 156 -15.14 -14.04 -12.57
CA LYS B 156 -15.17 -14.41 -13.99
C LYS B 156 -13.92 -13.94 -14.74
N GLU B 157 -13.45 -12.72 -14.44
CA GLU B 157 -12.34 -12.11 -15.16
C GLU B 157 -10.98 -12.37 -14.52
N HIS B 158 -10.98 -13.02 -13.36
CA HIS B 158 -9.76 -13.32 -12.59
C HIS B 158 -9.02 -12.04 -12.19
N ILE B 159 -9.72 -11.15 -11.48
CA ILE B 159 -9.12 -9.89 -11.10
C ILE B 159 -9.14 -9.71 -9.59
N ASN B 160 -7.95 -9.54 -9.02
CA ASN B 160 -7.78 -9.26 -7.60
C ASN B 160 -7.14 -7.89 -7.36
N THR B 161 -6.32 -7.47 -8.30
CA THR B 161 -5.55 -6.23 -8.20
C THR B 161 -5.90 -5.30 -9.35
N VAL B 162 -5.56 -4.02 -9.19
CA VAL B 162 -5.65 -3.05 -10.27
C VAL B 162 -4.83 -3.49 -11.50
N SER B 163 -3.63 -4.01 -11.27
CA SER B 163 -2.77 -4.47 -12.36
C SER B 163 -3.40 -5.58 -13.21
N ASP B 164 -4.25 -6.40 -12.59
CA ASP B 164 -4.98 -7.46 -13.31
C ASP B 164 -5.91 -6.91 -14.39
N LEU B 165 -6.29 -5.64 -14.26
CA LEU B 165 -7.15 -4.98 -15.24
C LEU B 165 -6.42 -4.62 -16.53
N LYS B 166 -5.09 -4.58 -16.49
CA LYS B 166 -4.27 -4.16 -17.63
C LYS B 166 -4.54 -4.98 -18.92
N LYS B 167 -4.57 -6.30 -18.80
CA LYS B 167 -4.69 -7.20 -19.96
C LYS B 167 -5.89 -6.85 -20.85
N ASN B 168 -7.07 -6.71 -20.24
CA ASN B 168 -8.30 -6.45 -21.00
C ASN B 168 -8.79 -5.00 -20.88
N ALA B 169 -7.88 -4.10 -20.49
CA ALA B 169 -8.19 -2.67 -20.28
C ALA B 169 -8.87 -1.99 -21.46
N SER B 170 -8.50 -2.40 -22.67
CA SER B 170 -9.10 -1.89 -23.91
C SER B 170 -10.61 -2.12 -23.97
N GLN B 171 -11.07 -3.24 -23.41
CA GLN B 171 -12.47 -3.65 -23.49
C GLN B 171 -13.33 -3.06 -22.37
N TYR B 172 -12.67 -2.46 -21.37
CA TYR B 172 -13.38 -2.02 -20.17
C TYR B 172 -13.88 -0.58 -20.22
N LYS B 173 -15.01 -0.36 -19.57
CA LYS B 173 -15.54 0.97 -19.34
C LYS B 173 -15.41 1.32 -17.85
N LEU B 174 -14.80 2.47 -17.57
CA LEU B 174 -14.53 2.90 -16.19
C LEU B 174 -15.32 4.14 -15.83
N GLY B 175 -16.11 4.04 -14.76
CA GLY B 175 -16.78 5.20 -14.17
C GLY B 175 -15.91 5.85 -13.11
N VAL B 176 -15.83 7.19 -13.16
CA VAL B 176 -15.02 7.99 -12.22
C VAL B 176 -15.76 9.27 -11.85
N ASP B 177 -15.30 9.97 -10.82
CA ASP B 177 -15.91 11.25 -10.44
C ASP B 177 -15.53 12.37 -11.43
N ASN B 178 -16.14 13.53 -11.25
CA ASN B 178 -16.00 14.64 -12.19
C ASN B 178 -14.69 15.41 -12.10
N ALA B 179 -13.83 15.03 -11.16
CA ALA B 179 -12.60 15.77 -10.90
C ALA B 179 -11.32 14.95 -11.09
N TRP B 180 -11.44 13.63 -10.94
CA TRP B 180 -10.27 12.75 -10.93
C TRP B 180 -9.44 12.77 -12.23
N LEU B 181 -10.12 12.92 -13.37
CA LEU B 181 -9.43 12.94 -14.67
C LEU B 181 -8.44 14.10 -14.85
N LYS B 182 -8.63 15.18 -14.09
CA LYS B 182 -7.77 16.35 -14.22
C LYS B 182 -6.94 16.64 -12.97
N ARG B 183 -7.02 15.78 -11.96
CA ARG B 183 -6.22 15.95 -10.74
C ARG B 183 -4.75 15.77 -11.06
N LYS B 184 -3.91 16.60 -10.43
CA LYS B 184 -2.46 16.40 -10.48
C LYS B 184 -2.03 15.52 -9.30
N GLY B 185 -1.09 14.62 -9.54
CA GLY B 185 -0.50 13.80 -8.48
C GLY B 185 -1.25 12.50 -8.23
N ASP B 186 -2.51 12.60 -7.79
CA ASP B 186 -3.32 11.41 -7.49
C ASP B 186 -4.44 11.20 -8.50
N GLY B 187 -4.29 11.76 -9.70
CA GLY B 187 -5.32 11.71 -10.74
C GLY B 187 -5.03 10.71 -11.86
N TYR B 188 -5.76 10.85 -12.95
CA TYR B 188 -5.72 9.89 -14.05
C TYR B 188 -4.37 9.85 -14.75
N LYS B 189 -3.76 11.02 -14.95
CA LYS B 189 -2.45 11.14 -15.59
C LYS B 189 -1.38 10.38 -14.82
N GLY B 190 -1.38 10.55 -13.50
CA GLY B 190 -0.48 9.84 -12.62
C GLY B 190 -0.74 8.34 -12.70
N PHE B 191 -2.02 7.98 -12.77
CA PHE B 191 -2.43 6.58 -12.80
C PHE B 191 -1.92 5.86 -14.04
N VAL B 192 -2.14 6.47 -15.21
CA VAL B 192 -1.64 5.92 -16.47
C VAL B 192 -0.11 5.80 -16.42
N SER B 193 0.52 6.86 -15.94
CA SER B 193 1.96 6.87 -15.75
C SER B 193 2.43 5.72 -14.84
N THR B 194 1.70 5.46 -13.75
CA THR B 194 2.12 4.44 -12.79
C THR B 194 1.78 3.01 -13.22
N TYR B 195 0.55 2.79 -13.68
CA TYR B 195 0.08 1.44 -14.04
C TYR B 195 0.37 1.03 -15.48
N GLY B 196 0.77 1.98 -16.32
CA GLY B 196 1.23 1.70 -17.68
C GLY B 196 0.14 1.43 -18.70
N PHE B 197 -1.12 1.63 -18.33
CA PHE B 197 -2.23 1.43 -19.25
C PHE B 197 -3.37 2.43 -19.04
N GLU B 198 -4.29 2.47 -19.99
CA GLU B 198 -5.55 3.18 -19.81
C GLU B 198 -6.77 2.34 -20.20
N PHE B 199 -7.93 2.74 -19.71
CA PHE B 199 -9.16 2.01 -19.96
C PHE B 199 -9.71 2.40 -21.33
N GLY B 200 -10.53 1.53 -21.92
CA GLY B 200 -11.12 1.76 -23.25
C GLY B 200 -11.72 3.15 -23.38
N THR B 201 -12.70 3.43 -22.52
CA THR B 201 -13.25 4.77 -22.36
C THR B 201 -13.49 5.04 -20.89
N THR B 202 -13.43 6.31 -20.51
CA THR B 202 -13.65 6.71 -19.13
C THR B 202 -14.87 7.63 -19.07
N TYR B 203 -15.79 7.34 -18.15
CA TYR B 203 -17.06 8.05 -18.04
C TYR B 203 -17.12 8.89 -16.77
N PRO B 204 -16.87 10.20 -16.90
CA PRO B 204 -16.98 11.09 -15.75
C PRO B 204 -18.44 11.22 -15.32
N MET B 205 -18.70 11.05 -14.02
CA MET B 205 -20.04 11.23 -13.45
C MET B 205 -19.94 11.72 -12.00
N GLN B 206 -21.07 12.13 -11.43
CA GLN B 206 -21.17 12.41 -9.99
C GLN B 206 -20.82 11.13 -9.26
N ILE B 207 -20.00 11.23 -8.22
CA ILE B 207 -19.53 10.04 -7.48
C ILE B 207 -20.68 9.17 -6.94
N GLY B 208 -21.76 9.81 -6.49
CA GLY B 208 -22.97 9.11 -6.04
C GLY B 208 -23.57 8.13 -7.04
N LEU B 209 -23.26 8.30 -8.33
CA LEU B 209 -23.78 7.44 -9.40
C LEU B 209 -22.94 6.18 -9.67
N VAL B 210 -21.66 6.18 -9.28
CA VAL B 210 -20.76 5.10 -9.68
C VAL B 210 -21.17 3.71 -9.16
N TYR B 211 -21.81 3.68 -7.99
CA TYR B 211 -22.10 2.41 -7.31
C TYR B 211 -23.19 1.61 -8.03
N ASP B 212 -24.29 2.30 -8.39
CA ASP B 212 -25.34 1.72 -9.24
C ASP B 212 -24.82 1.37 -10.62
N ALA B 213 -24.02 2.26 -11.21
CA ALA B 213 -23.46 2.04 -12.54
C ALA B 213 -22.66 0.73 -12.64
N VAL B 214 -21.85 0.43 -11.63
CA VAL B 214 -21.09 -0.83 -11.60
C VAL B 214 -21.99 -2.04 -11.22
N LYS B 215 -22.86 -1.86 -10.22
CA LYS B 215 -23.78 -2.91 -9.81
C LYS B 215 -24.67 -3.35 -10.99
N ASN B 216 -25.11 -2.40 -11.81
CA ASN B 216 -26.02 -2.65 -12.94
C ASN B 216 -25.34 -3.06 -14.24
N GLY B 217 -24.02 -3.06 -14.27
CA GLY B 217 -23.28 -3.51 -15.44
C GLY B 217 -23.05 -2.45 -16.50
N LYS B 218 -23.53 -1.23 -16.25
CA LYS B 218 -23.22 -0.09 -17.11
C LYS B 218 -21.72 0.19 -17.16
N MET B 219 -21.05 -0.08 -16.05
CA MET B 219 -19.59 0.05 -15.97
C MET B 219 -18.97 -1.28 -15.55
N ASP B 220 -17.81 -1.60 -16.10
CA ASP B 220 -17.07 -2.79 -15.73
C ASP B 220 -16.34 -2.58 -14.39
N ALA B 221 -15.89 -1.34 -14.18
CA ALA B 221 -15.25 -0.93 -12.93
C ALA B 221 -15.53 0.54 -12.67
N VAL B 222 -15.54 0.93 -11.40
CA VAL B 222 -15.62 2.34 -11.05
C VAL B 222 -14.54 2.71 -10.02
N LEU B 223 -14.12 3.98 -10.06
CA LEU B 223 -13.26 4.52 -9.02
C LEU B 223 -14.12 5.07 -7.90
N ALA B 224 -14.42 4.21 -6.94
CA ALA B 224 -15.29 4.56 -5.83
C ALA B 224 -14.51 5.18 -4.65
N TYR B 225 -15.27 5.62 -3.64
CA TYR B 225 -14.72 6.05 -2.35
C TYR B 225 -14.92 4.91 -1.35
N SER B 226 -13.85 4.53 -0.67
CA SER B 226 -13.83 3.35 0.17
C SER B 226 -14.81 3.33 1.35
N THR B 227 -15.22 4.50 1.85
CA THR B 227 -16.16 4.54 2.98
C THR B 227 -17.64 4.48 2.58
N ASP B 228 -17.93 4.49 1.29
CA ASP B 228 -19.33 4.40 0.88
C ASP B 228 -19.92 3.05 1.26
N GLY B 229 -21.06 3.11 1.95
CA GLY B 229 -21.71 1.90 2.48
C GLY B 229 -22.30 1.00 1.41
N ARG B 230 -22.44 1.53 0.20
CA ARG B 230 -22.98 0.76 -0.93
C ARG B 230 -21.98 -0.27 -1.47
N ILE B 231 -20.70 -0.12 -1.14
CA ILE B 231 -19.68 -1.11 -1.50
C ILE B 231 -20.01 -2.47 -0.84
N LYS B 232 -20.28 -2.44 0.47
CA LYS B 232 -20.74 -3.62 1.20
C LYS B 232 -22.15 -4.07 0.78
N ALA B 233 -23.09 -3.12 0.76
CA ALA B 233 -24.50 -3.42 0.49
C ALA B 233 -24.71 -4.10 -0.85
N TYR B 234 -24.00 -3.59 -1.86
CA TYR B 234 -24.06 -4.16 -3.21
C TYR B 234 -23.09 -5.32 -3.36
N ASP B 235 -22.47 -5.72 -2.24
CA ASP B 235 -21.52 -6.84 -2.16
C ASP B 235 -20.42 -6.75 -3.23
N LEU B 236 -19.88 -5.55 -3.40
CA LEU B 236 -18.86 -5.28 -4.39
C LEU B 236 -17.49 -5.62 -3.83
N LYS B 237 -16.49 -5.63 -4.72
CA LYS B 237 -15.13 -6.00 -4.36
C LYS B 237 -14.22 -4.83 -4.65
N ILE B 238 -13.38 -4.47 -3.68
CA ILE B 238 -12.34 -3.46 -3.86
C ILE B 238 -11.04 -4.14 -4.29
N LEU B 239 -10.46 -3.66 -5.38
CA LEU B 239 -9.22 -4.24 -5.88
C LEU B 239 -8.03 -3.65 -5.15
N LYS B 240 -7.04 -4.49 -4.87
CA LYS B 240 -5.79 -4.05 -4.26
C LYS B 240 -5.06 -3.04 -5.16
N ASP B 241 -4.68 -1.91 -4.59
CA ASP B 241 -3.83 -0.93 -5.24
C ASP B 241 -2.39 -1.44 -5.14
N ASP B 242 -2.04 -2.39 -6.02
CA ASP B 242 -0.78 -3.14 -5.89
C ASP B 242 0.51 -2.33 -6.07
N LYS B 243 0.44 -1.24 -6.84
CA LYS B 243 1.61 -0.38 -7.04
C LYS B 243 1.65 0.81 -6.08
N ARG B 244 0.71 0.84 -5.13
CA ARG B 244 0.56 1.96 -4.20
C ARG B 244 0.49 3.31 -4.94
N PHE B 245 -0.33 3.38 -5.99
CA PHE B 245 -0.46 4.63 -6.71
C PHE B 245 -1.05 5.72 -5.82
N PHE B 246 -2.11 5.38 -5.07
CA PHE B 246 -2.81 6.41 -4.30
C PHE B 246 -2.12 6.70 -2.97
N PRO B 247 -2.06 8.00 -2.60
CA PRO B 247 -1.60 8.34 -1.27
C PRO B 247 -2.68 7.97 -0.27
N PRO B 248 -2.40 8.07 1.05
CA PRO B 248 -3.45 7.91 2.06
C PRO B 248 -4.45 9.06 2.00
N TYR B 249 -5.65 8.76 2.42
CA TYR B 249 -6.70 9.73 2.55
C TYR B 249 -7.36 9.76 3.98
N ASP B 250 -6.54 9.74 4.99
CA ASP B 250 -7.00 9.83 6.36
C ASP B 250 -7.82 11.09 6.55
N CYS B 251 -8.98 10.96 7.21
CA CYS B 251 -9.92 12.08 7.36
C CYS B 251 -9.83 12.77 8.71
N SER B 252 -9.78 14.09 8.68
CA SER B 252 -9.64 14.94 9.88
C SER B 252 -10.47 16.22 9.75
N PRO B 253 -10.84 16.82 10.89
CA PRO B 253 -11.34 18.19 10.86
C PRO B 253 -10.19 19.21 10.79
N VAL B 254 -10.49 20.39 10.25
CA VAL B 254 -9.52 21.46 10.13
C VAL B 254 -10.16 22.71 10.72
N ILE B 255 -9.45 23.38 11.62
CA ILE B 255 -9.97 24.57 12.29
C ILE B 255 -8.83 25.57 12.43
N PRO B 256 -9.07 26.87 12.09
CA PRO B 256 -8.02 27.88 12.30
C PRO B 256 -7.66 28.02 13.79
N GLU B 257 -6.37 28.25 14.07
CA GLU B 257 -5.93 28.45 15.44
C GLU B 257 -6.64 29.66 16.07
N LYS B 258 -7.00 30.62 15.21
CA LYS B 258 -7.72 31.83 15.62
C LYS B 258 -9.09 31.52 16.23
N VAL B 259 -9.84 30.62 15.58
CA VAL B 259 -11.13 30.16 16.06
C VAL B 259 -10.97 29.40 17.38
N LEU B 260 -9.94 28.57 17.47
CA LEU B 260 -9.67 27.82 18.70
C LEU B 260 -9.26 28.70 19.89
N LYS B 261 -8.51 29.77 19.62
CA LYS B 261 -8.06 30.69 20.65
C LYS B 261 -9.23 31.53 21.17
N GLU B 262 -10.10 31.98 20.26
CA GLU B 262 -11.29 32.75 20.60
C GLU B 262 -12.29 31.92 21.40
N HIS B 263 -12.36 30.62 21.10
CA HIS B 263 -13.24 29.70 21.80
C HIS B 263 -12.44 28.51 22.36
N PRO B 264 -11.79 28.69 23.53
CA PRO B 264 -10.87 27.66 24.05
C PRO B 264 -11.54 26.34 24.49
N GLU B 265 -12.86 26.31 24.54
CA GLU B 265 -13.59 25.07 24.87
C GLU B 265 -13.77 24.18 23.62
N LEU B 266 -13.61 24.78 22.45
CA LEU B 266 -13.86 24.12 21.18
C LEU B 266 -12.95 22.90 20.91
N GLU B 267 -11.65 23.06 21.18
CA GLU B 267 -10.70 21.99 20.93
C GLU B 267 -11.09 20.71 21.66
N GLY B 268 -11.44 20.85 22.94
CA GLY B 268 -11.87 19.73 23.79
C GLY B 268 -13.10 19.02 23.24
N VAL B 269 -14.03 19.79 22.69
CA VAL B 269 -15.19 19.22 21.99
C VAL B 269 -14.74 18.35 20.78
N ILE B 270 -14.00 18.97 19.86
CA ILE B 270 -13.49 18.27 18.66
C ILE B 270 -12.69 17.02 19.03
N ASN B 271 -11.88 17.13 20.07
CA ASN B 271 -11.07 16.02 20.59
C ASN B 271 -11.84 14.73 20.88
N LYS B 272 -13.12 14.86 21.25
CA LYS B 272 -13.97 13.72 21.58
C LYS B 272 -14.22 12.78 20.41
N LEU B 273 -14.07 13.29 19.19
CA LEU B 273 -14.34 12.52 17.99
C LEU B 273 -13.07 11.91 17.39
N ILE B 274 -11.92 12.46 17.77
CA ILE B 274 -10.64 12.07 17.20
C ILE B 274 -10.36 10.63 17.60
N GLY B 275 -10.11 9.79 16.60
CA GLY B 275 -9.81 8.37 16.82
C GLY B 275 -11.03 7.52 17.15
N GLN B 276 -12.22 8.08 17.02
CA GLN B 276 -13.45 7.39 17.43
C GLN B 276 -14.30 6.82 16.30
N ILE B 277 -13.90 7.07 15.06
CA ILE B 277 -14.65 6.53 13.90
C ILE B 277 -13.74 5.78 12.93
N ASP B 278 -13.86 4.46 12.91
CA ASP B 278 -13.13 3.66 11.94
C ASP B 278 -13.90 3.53 10.62
N THR B 279 -13.29 2.91 9.61
CA THR B 279 -13.92 2.84 8.29
C THR B 279 -15.24 2.09 8.35
N GLU B 280 -15.24 0.97 9.06
CA GLU B 280 -16.43 0.14 9.18
C GLU B 280 -17.62 0.95 9.71
N THR B 281 -17.38 1.76 10.74
CA THR B 281 -18.41 2.63 11.33
C THR B 281 -18.87 3.70 10.33
N MET B 282 -17.92 4.38 9.69
CA MET B 282 -18.23 5.40 8.69
C MET B 282 -19.08 4.84 7.55
N GLN B 283 -18.75 3.62 7.10
CA GLN B 283 -19.53 2.93 6.06
C GLN B 283 -20.97 2.73 6.48
N GLU B 284 -21.15 2.28 7.73
CA GLU B 284 -22.48 2.04 8.31
C GLU B 284 -23.28 3.34 8.34
N LEU B 285 -22.64 4.40 8.81
CA LEU B 285 -23.30 5.70 8.92
C LEU B 285 -23.69 6.20 7.53
N ASN B 286 -22.74 6.16 6.60
CA ASN B 286 -23.01 6.56 5.22
C ASN B 286 -24.21 5.81 4.64
N TYR B 287 -24.24 4.49 4.86
CA TYR B 287 -25.38 3.69 4.38
C TYR B 287 -26.72 4.10 5.01
N GLU B 288 -26.71 4.49 6.28
CA GLU B 288 -27.91 4.99 6.95
C GLU B 288 -28.59 6.10 6.16
N VAL B 289 -27.79 6.92 5.48
CA VAL B 289 -28.30 8.01 4.66
C VAL B 289 -28.54 7.58 3.21
N ASP B 290 -27.53 7.00 2.63
CA ASP B 290 -27.53 6.59 1.26
C ASP B 290 -28.48 5.45 0.98
N GLY B 291 -28.62 4.57 1.92
CA GLY B 291 -29.47 3.44 1.67
C GLY B 291 -30.81 3.48 2.36
N LYS B 292 -30.83 3.85 3.62
CA LYS B 292 -32.04 3.92 4.39
C LYS B 292 -32.72 5.26 4.27
N LEU B 293 -32.13 6.15 3.53
CA LEU B 293 -32.68 7.46 3.30
C LEU B 293 -32.90 8.29 4.54
N LYS B 294 -32.20 8.02 5.61
CA LYS B 294 -32.29 8.84 6.82
C LYS B 294 -31.57 10.17 6.64
N GLU B 295 -31.89 11.13 7.52
CA GLU B 295 -31.25 12.45 7.50
C GLU B 295 -29.88 12.39 8.19
N PRO B 296 -28.87 13.07 7.62
CA PRO B 296 -27.56 13.16 8.26
C PRO B 296 -27.64 13.63 9.73
N SER B 297 -28.49 14.63 10.01
CA SER B 297 -28.72 15.10 11.38
C SER B 297 -29.17 13.98 12.34
N VAL B 298 -30.02 13.08 11.86
CA VAL B 298 -30.57 11.99 12.67
C VAL B 298 -29.50 10.92 12.88
N VAL B 299 -28.81 10.59 11.79
CA VAL B 299 -27.70 9.64 11.81
C VAL B 299 -26.60 10.11 12.78
N ALA B 300 -26.28 11.39 12.73
CA ALA B 300 -25.31 11.97 13.67
C ALA B 300 -25.81 11.83 15.12
N LYS B 301 -27.05 12.24 15.35
CA LYS B 301 -27.68 12.15 16.68
C LYS B 301 -27.64 10.73 17.26
N GLU B 302 -28.05 9.75 16.49
CA GLU B 302 -28.10 8.37 16.97
C GLU B 302 -26.70 7.83 17.25
N PHE B 303 -25.72 8.23 16.43
CA PHE B 303 -24.35 7.88 16.71
C PHE B 303 -23.91 8.46 18.07
N LEU B 304 -24.18 9.74 18.29
CA LEU B 304 -23.78 10.38 19.54
C LEU B 304 -24.49 9.80 20.78
N GLU B 305 -25.78 9.50 20.64
CA GLU B 305 -26.55 8.89 21.73
C GLU B 305 -25.97 7.54 22.11
N LYS B 306 -25.62 6.76 21.09
CA LYS B 306 -25.04 5.44 21.26
C LYS B 306 -23.75 5.48 22.09
N HIS B 307 -22.95 6.53 21.91
CA HIS B 307 -21.66 6.66 22.59
C HIS B 307 -21.72 7.61 23.79
N HIS B 308 -22.94 7.96 24.18
CA HIS B 308 -23.23 8.85 25.31
C HIS B 308 -22.51 10.19 25.16
N TYR B 309 -22.45 10.69 23.92
CA TYR B 309 -21.78 11.95 23.58
C TYR B 309 -20.33 11.98 24.06
N PHE B 310 -19.73 10.84 24.28
CA PHE B 310 -18.35 10.73 24.74
C PHE B 310 -18.19 11.40 26.10
N ASP B 311 -19.33 11.49 26.80
CA ASP B 311 -19.55 12.16 28.07
C ASP B 311 -19.68 13.68 27.98
#